data_3P1R
#
_entry.id   3P1R
#
_cell.length_a   82.320
_cell.length_b   112.290
_cell.length_c   62.690
_cell.angle_alpha   90.00
_cell.angle_beta   90.00
_cell.angle_gamma   90.00
#
_symmetry.space_group_name_H-M   'C 2 2 21'
#
loop_
_entity.id
_entity.type
_entity.pdbx_description
1 polymer '14-3-3 protein sigma'
2 polymer '6-mer peptide from Potassium channel subfamily K member 9'
3 non-polymer 'MAGNESIUM ION'
4 non-polymer 'CHLORIDE ION'
5 non-polymer 'CALCIUM ION'
6 water water
#
loop_
_entity_poly.entity_id
_entity_poly.type
_entity_poly.pdbx_seq_one_letter_code
_entity_poly.pdbx_strand_id
1 'polypeptide(L)'
;GAMGSMERASLIQKAKLAEQAERYEDMAAFMKGAVEKGEELSVEERNLLSVAYKNVVGGQRAAWRVLSSIEQKSNEEGSE
EKGPEVREYREKVETELQGVCDTVLGLLDSHLIKEAGDAESRVFYLKMKGDYYRYLAEVATGDDKKRIIDSARSAYQEAM
DISKKEMPPTHPIRLGLALNFSVFHYEIANSPEEAISLAKTTFDEAMADLHTLSEDSYKDSTLIMQLLRDNLTLWT
;
A
2 'polypeptide(L)' KRRK(SEP)V P
#
loop_
_chem_comp.id
_chem_comp.type
_chem_comp.name
_chem_comp.formula
CA non-polymer 'CALCIUM ION' 'Ca 2'
CL non-polymer 'CHLORIDE ION' 'Cl -1'
MG non-polymer 'MAGNESIUM ION' 'Mg 2'
#
# COMPACT_ATOMS: atom_id res chain seq x y z
N GLY A 1 9.60 13.69 -17.65
CA GLY A 1 9.66 14.65 -16.46
C GLY A 1 11.08 15.12 -16.29
N ALA A 2 11.47 15.46 -15.06
CA ALA A 2 12.87 15.82 -14.85
C ALA A 2 13.74 14.62 -15.08
N MET A 3 13.15 13.38 -15.19
CA MET A 3 14.02 12.21 -15.40
C MET A 3 14.07 11.82 -16.84
N GLY A 4 13.46 12.66 -17.68
CA GLY A 4 13.33 12.38 -19.13
C GLY A 4 14.63 12.14 -19.88
N SER A 5 15.71 12.77 -19.39
CA SER A 5 17.00 12.64 -20.04
CA SER A 5 17.04 12.65 -20.00
C SER A 5 17.89 11.51 -19.52
N MET A 6 17.45 10.78 -18.44
CA MET A 6 18.31 9.75 -17.87
C MET A 6 17.91 8.38 -18.40
N GLU A 7 18.90 7.56 -18.74
CA GLU A 7 18.62 6.19 -19.22
C GLU A 7 17.75 5.42 -18.19
N ARG A 8 16.84 4.59 -18.73
CA ARG A 8 16.06 3.73 -17.85
C ARG A 8 16.98 2.93 -16.92
N ALA A 9 18.03 2.28 -17.45
CA ALA A 9 18.89 1.46 -16.57
C ALA A 9 19.56 2.25 -15.49
N SER A 10 19.95 3.49 -15.82
CA SER A 10 20.64 4.35 -14.85
C SER A 10 19.63 4.78 -13.78
N LEU A 11 18.36 4.98 -14.14
CA LEU A 11 17.33 5.31 -13.11
C LEU A 11 17.18 4.12 -12.17
N ILE A 12 17.21 2.88 -12.69
CA ILE A 12 17.05 1.69 -11.85
CA ILE A 12 17.02 1.76 -11.80
C ILE A 12 18.27 1.54 -10.91
N GLN A 13 19.44 1.76 -11.49
CA GLN A 13 20.67 1.63 -10.70
CA GLN A 13 20.69 1.68 -10.73
C GLN A 13 20.68 2.68 -9.57
N LYS A 14 20.25 3.91 -9.89
CA LYS A 14 20.21 5.01 -8.84
C LYS A 14 19.12 4.73 -7.82
N ALA A 15 17.99 4.11 -8.24
CA ALA A 15 16.96 3.82 -7.24
C ALA A 15 17.56 2.85 -6.23
N LYS A 16 18.35 1.87 -6.70
CA LYS A 16 18.95 0.91 -5.76
C LYS A 16 19.98 1.57 -4.85
N LEU A 17 20.75 2.50 -5.39
CA LEU A 17 21.71 3.28 -4.56
C LEU A 17 20.94 4.11 -3.54
N ALA A 18 19.84 4.75 -3.94
CA ALA A 18 19.09 5.58 -3.01
C ALA A 18 18.53 4.69 -1.93
N GLU A 19 18.07 3.48 -2.27
CA GLU A 19 17.51 2.58 -1.24
C GLU A 19 18.65 2.30 -0.16
N GLN A 20 19.86 2.06 -0.65
CA GLN A 20 20.99 1.76 0.28
C GLN A 20 21.30 2.95 1.16
N ALA A 21 21.07 4.16 0.65
CA ALA A 21 21.37 5.34 1.36
C ALA A 21 20.15 5.83 2.19
N GLU A 22 19.08 5.06 2.17
CA GLU A 22 17.80 5.45 2.80
CA GLU A 22 17.81 5.46 2.82
C GLU A 22 17.26 6.80 2.32
N ARG A 23 17.38 7.04 1.01
CA ARG A 23 16.95 8.29 0.42
C ARG A 23 15.69 7.96 -0.38
N TYR A 24 14.58 7.76 0.34
CA TYR A 24 13.42 7.19 -0.31
C TYR A 24 12.68 8.16 -1.24
N GLU A 25 12.67 9.44 -0.94
CA GLU A 25 12.10 10.42 -1.92
CA GLU A 25 12.16 10.47 -1.90
C GLU A 25 12.92 10.34 -3.23
N ASP A 26 14.25 10.34 -3.18
CA ASP A 26 14.99 10.15 -4.43
C ASP A 26 14.66 8.81 -5.11
N MET A 27 14.55 7.75 -4.31
CA MET A 27 14.29 6.42 -4.87
C MET A 27 12.98 6.47 -5.63
N ALA A 28 11.97 7.13 -5.03
CA ALA A 28 10.65 7.20 -5.68
C ALA A 28 10.66 8.03 -6.95
N ALA A 29 11.42 9.11 -6.90
CA ALA A 29 11.55 9.90 -8.14
C ALA A 29 12.26 9.15 -9.24
N PHE A 30 13.30 8.37 -8.90
CA PHE A 30 13.98 7.60 -9.93
C PHE A 30 13.04 6.54 -10.47
N MET A 31 12.32 5.89 -9.56
CA MET A 31 11.39 4.88 -10.08
C MET A 31 10.19 5.43 -10.88
N LYS A 32 9.71 6.60 -10.53
CA LYS A 32 8.69 7.26 -11.34
C LYS A 32 9.30 7.53 -12.73
N GLY A 33 10.53 8.07 -12.77
CA GLY A 33 11.17 8.26 -14.10
C GLY A 33 11.23 6.97 -14.88
N ALA A 34 11.58 5.85 -14.20
CA ALA A 34 11.69 4.56 -14.93
C ALA A 34 10.32 4.14 -15.47
N VAL A 35 9.27 4.26 -14.65
CA VAL A 35 7.94 3.93 -15.14
C VAL A 35 7.60 4.73 -16.36
N GLU A 36 7.89 6.02 -16.29
CA GLU A 36 7.51 6.96 -17.38
C GLU A 36 8.31 6.69 -18.69
N LYS A 37 9.34 5.81 -18.66
CA LYS A 37 9.90 5.33 -19.93
C LYS A 37 8.95 4.52 -20.78
N GLY A 38 7.87 3.97 -20.15
CA GLY A 38 6.83 3.42 -21.00
C GLY A 38 6.90 1.90 -21.05
N GLU A 39 8.04 1.33 -20.70
CA GLU A 39 8.23 -0.14 -20.75
CA GLU A 39 8.21 -0.12 -20.77
C GLU A 39 7.61 -0.79 -19.52
N GLU A 40 7.18 -2.04 -19.66
CA GLU A 40 6.70 -2.78 -18.45
C GLU A 40 7.81 -2.92 -17.44
N LEU A 41 7.43 -3.14 -16.19
CA LEU A 41 8.39 -3.33 -15.09
CA LEU A 41 8.44 -3.34 -15.13
C LEU A 41 8.60 -4.79 -14.83
N SER A 42 9.86 -5.17 -14.65
CA SER A 42 10.11 -6.54 -14.11
C SER A 42 9.67 -6.71 -12.62
N VAL A 43 9.72 -7.93 -12.09
CA VAL A 43 9.36 -8.18 -10.69
CA VAL A 43 9.30 -8.11 -10.70
C VAL A 43 10.22 -7.36 -9.74
N GLU A 44 11.54 -7.38 -10.01
CA GLU A 44 12.45 -6.64 -9.16
C GLU A 44 12.09 -5.13 -9.21
N GLU A 45 11.79 -4.66 -10.42
CA GLU A 45 11.53 -3.19 -10.61
C GLU A 45 10.22 -2.80 -9.95
N ARG A 46 9.18 -3.68 -10.03
CA ARG A 46 7.92 -3.34 -9.42
C ARG A 46 8.17 -3.22 -7.90
N ASN A 47 8.97 -4.12 -7.34
CA ASN A 47 9.18 -4.02 -5.88
C ASN A 47 10.02 -2.83 -5.52
N LEU A 48 10.92 -2.35 -6.44
CA LEU A 48 11.63 -1.08 -6.10
C LEU A 48 10.63 0.10 -6.07
N LEU A 49 9.69 0.11 -7.00
CA LEU A 49 8.68 1.17 -7.08
C LEU A 49 7.85 1.12 -5.79
N SER A 50 7.37 -0.08 -5.39
CA SER A 50 6.54 -0.12 -4.20
CA SER A 50 6.56 -0.19 -4.16
C SER A 50 7.33 0.21 -2.94
N VAL A 51 8.55 -0.33 -2.81
CA VAL A 51 9.36 0.03 -1.58
C VAL A 51 9.53 1.58 -1.45
N ALA A 52 9.84 2.23 -2.57
CA ALA A 52 10.13 3.65 -2.54
C ALA A 52 8.92 4.42 -2.09
N TYR A 53 7.78 4.21 -2.77
CA TYR A 53 6.60 4.98 -2.39
C TYR A 53 6.05 4.57 -1.00
N LYS A 54 6.16 3.30 -0.60
CA LYS A 54 5.57 2.97 0.69
CA LYS A 54 5.68 2.87 0.72
C LYS A 54 6.36 3.68 1.80
N ASN A 55 7.66 3.84 1.63
CA ASN A 55 8.43 4.54 2.63
C ASN A 55 8.11 6.03 2.59
N VAL A 56 8.01 6.64 1.41
CA VAL A 56 7.64 8.06 1.38
C VAL A 56 6.28 8.29 2.06
N VAL A 57 5.28 7.55 1.62
CA VAL A 57 3.93 7.77 2.13
CA VAL A 57 3.92 7.78 2.14
C VAL A 57 3.87 7.36 3.59
N GLY A 58 4.69 6.38 3.99
CA GLY A 58 4.63 5.97 5.41
C GLY A 58 5.14 7.08 6.31
N GLY A 59 6.17 7.81 5.88
CA GLY A 59 6.61 9.01 6.67
C GLY A 59 5.47 10.09 6.76
N GLN A 60 4.76 10.29 5.67
CA GLN A 60 3.71 11.31 5.65
C GLN A 60 2.53 10.85 6.55
N ARG A 61 2.18 9.55 6.46
CA ARG A 61 1.03 9.07 7.25
C ARG A 61 1.38 9.18 8.74
N ALA A 62 2.59 8.79 9.16
CA ALA A 62 2.91 8.82 10.58
C ALA A 62 2.91 10.27 11.06
N ALA A 63 3.37 11.16 10.20
CA ALA A 63 3.33 12.62 10.59
C ALA A 63 1.89 13.14 10.67
N TRP A 64 1.05 12.79 9.68
CA TRP A 64 -0.32 13.20 9.69
C TRP A 64 -0.99 12.70 10.99
N ARG A 65 -0.70 11.47 11.41
CA ARG A 65 -1.41 10.95 12.61
C ARG A 65 -0.96 11.76 13.85
N VAL A 66 0.34 12.08 13.94
CA VAL A 66 0.82 12.91 15.09
C VAL A 66 0.02 14.23 15.05
N LEU A 67 0.01 14.91 13.91
CA LEU A 67 -0.69 16.23 13.78
C LEU A 67 -2.19 16.14 14.07
N SER A 68 -2.84 15.10 13.54
CA SER A 68 -4.29 14.93 13.74
CA SER A 68 -4.28 14.91 13.78
C SER A 68 -4.59 14.73 15.25
N SER A 69 -3.72 14.01 15.95
CA SER A 69 -3.93 13.75 17.38
CA SER A 69 -3.97 13.76 17.37
CA SER A 69 -3.98 13.77 17.38
C SER A 69 -3.81 15.08 18.13
N ILE A 70 -2.78 15.85 17.73
CA ILE A 70 -2.65 17.18 18.37
C ILE A 70 -3.90 18.04 18.11
N GLU A 71 -4.41 18.02 16.88
CA GLU A 71 -5.51 18.88 16.49
C GLU A 71 -6.78 18.43 17.27
N GLN A 72 -6.95 17.12 17.38
CA GLN A 72 -8.15 16.59 18.11
C GLN A 72 -8.07 17.07 19.56
N LYS A 73 -6.92 16.96 20.20
CA LYS A 73 -6.80 17.46 21.57
C LYS A 73 -7.11 18.97 21.66
N SER A 74 -6.67 19.76 20.68
CA SER A 74 -6.96 21.20 20.72
C SER A 74 -8.46 21.50 20.64
N ASN A 75 -9.21 20.51 20.17
CA ASN A 75 -10.66 20.61 20.05
C ASN A 75 -11.47 20.13 21.25
N GLU A 76 -10.79 19.67 22.31
CA GLU A 76 -11.46 19.21 23.55
C GLU A 76 -11.88 20.39 24.43
N GLU A 77 -12.98 20.23 25.16
CA GLU A 77 -13.42 21.23 26.14
C GLU A 77 -12.31 21.55 27.16
N GLY A 78 -12.01 22.85 27.33
CA GLY A 78 -11.03 23.24 28.33
C GLY A 78 -9.67 23.46 27.70
N SER A 79 -9.56 23.15 26.39
CA SER A 79 -8.30 23.40 25.66
C SER A 79 -8.21 24.86 25.32
N GLU A 80 -7.02 25.42 25.51
CA GLU A 80 -6.80 26.84 25.25
C GLU A 80 -6.75 27.02 23.71
N GLU A 81 -7.31 28.10 23.18
CA GLU A 81 -7.34 28.33 21.76
C GLU A 81 -5.96 28.72 21.28
N LYS A 82 -5.45 28.04 20.27
CA LYS A 82 -4.08 28.44 19.81
C LYS A 82 -3.99 28.93 18.37
N GLY A 83 -5.17 29.10 17.76
CA GLY A 83 -5.24 29.69 16.44
C GLY A 83 -5.22 28.62 15.38
N PRO A 84 -5.09 29.02 14.15
CA PRO A 84 -5.29 28.12 13.00
C PRO A 84 -4.08 27.28 12.70
N GLU A 85 -2.97 27.41 13.43
CA GLU A 85 -1.72 26.86 12.90
C GLU A 85 -1.71 25.33 12.90
N VAL A 86 -2.33 24.70 13.90
CA VAL A 86 -2.27 23.20 13.92
C VAL A 86 -3.11 22.64 12.75
N ARG A 87 -4.29 23.16 12.55
CA ARG A 87 -5.09 22.75 11.35
C ARG A 87 -4.35 23.04 10.04
N GLU A 88 -3.74 24.25 9.89
CA GLU A 88 -3.04 24.60 8.66
C GLU A 88 -1.91 23.61 8.38
N TYR A 89 -1.15 23.31 9.44
CA TYR A 89 -0.01 22.45 9.17
C TYR A 89 -0.44 20.98 8.97
N ARG A 90 -1.47 20.53 9.73
CA ARG A 90 -2.02 19.19 9.37
C ARG A 90 -2.49 19.19 7.88
N GLU A 91 -3.21 20.21 7.46
CA GLU A 91 -3.62 20.33 6.06
CA GLU A 91 -3.63 20.37 6.07
C GLU A 91 -2.47 20.33 5.09
N LYS A 92 -1.37 21.00 5.41
CA LYS A 92 -0.19 21.04 4.54
CA LYS A 92 -0.19 21.03 4.53
C LYS A 92 0.34 19.60 4.33
N VAL A 93 0.49 18.88 5.44
CA VAL A 93 1.01 17.47 5.44
C VAL A 93 0.00 16.59 4.71
N GLU A 94 -1.30 16.80 4.97
CA GLU A 94 -2.37 16.04 4.30
C GLU A 94 -2.35 16.22 2.78
N THR A 95 -2.15 17.47 2.35
CA THR A 95 -2.17 17.77 0.90
CA THR A 95 -2.19 17.72 0.88
C THR A 95 -0.97 17.09 0.21
N GLU A 96 0.19 17.10 0.87
CA GLU A 96 1.36 16.50 0.27
CA GLU A 96 1.41 16.49 0.34
C GLU A 96 1.18 14.98 0.17
N LEU A 97 0.54 14.42 1.22
CA LEU A 97 0.31 12.97 1.23
C LEU A 97 -0.67 12.61 0.09
N GLN A 98 -1.72 13.39 -0.03
CA GLN A 98 -2.68 13.17 -1.14
C GLN A 98 -1.98 13.25 -2.44
N GLY A 99 -1.00 14.20 -2.52
CA GLY A 99 -0.32 14.32 -3.80
C GLY A 99 0.53 13.11 -4.16
N VAL A 100 1.18 12.54 -3.17
CA VAL A 100 1.94 11.30 -3.39
C VAL A 100 0.98 10.16 -3.80
N CYS A 101 -0.14 10.03 -3.11
CA CYS A 101 -1.14 9.02 -3.51
C CYS A 101 -1.60 9.23 -4.94
N ASP A 102 -1.89 10.48 -5.31
CA ASP A 102 -2.36 10.76 -6.68
C ASP A 102 -1.28 10.43 -7.69
N THR A 103 -0.02 10.65 -7.30
CA THR A 103 1.09 10.37 -8.27
C THR A 103 1.16 8.84 -8.51
N VAL A 104 1.07 8.06 -7.41
CA VAL A 104 1.16 6.60 -7.57
C VAL A 104 -0.04 6.13 -8.38
N LEU A 105 -1.22 6.63 -8.04
CA LEU A 105 -2.41 6.20 -8.76
C LEU A 105 -2.37 6.58 -10.24
N GLY A 106 -1.71 7.70 -10.49
CA GLY A 106 -1.49 8.11 -11.85
C GLY A 106 -0.58 7.24 -12.66
N LEU A 107 0.49 6.74 -12.03
CA LEU A 107 1.38 5.82 -12.73
C LEU A 107 0.64 4.54 -13.01
N LEU A 108 -0.17 4.10 -12.05
CA LEU A 108 -0.93 2.84 -12.29
C LEU A 108 -1.94 2.97 -13.41
N ASP A 109 -2.60 4.10 -13.52
CA ASP A 109 -3.55 4.39 -14.60
CA ASP A 109 -3.57 4.16 -14.59
C ASP A 109 -2.91 4.71 -15.93
N SER A 110 -1.70 5.19 -15.89
CA SER A 110 -0.98 5.61 -17.09
C SER A 110 0.49 5.08 -17.17
N HIS A 111 0.78 3.82 -17.49
CA HIS A 111 -0.23 2.86 -18.01
C HIS A 111 0.08 1.49 -17.47
N LEU A 112 0.46 1.42 -16.18
CA LEU A 112 0.98 0.15 -15.63
C LEU A 112 -0.13 -0.94 -15.62
N ILE A 113 -1.32 -0.62 -15.15
CA ILE A 113 -2.35 -1.67 -15.01
C ILE A 113 -2.79 -2.20 -16.37
N LYS A 114 -3.00 -1.30 -17.33
CA LYS A 114 -3.54 -1.75 -18.61
C LYS A 114 -2.58 -2.64 -19.39
N GLU A 115 -1.27 -2.52 -19.16
CA GLU A 115 -0.38 -3.44 -19.82
CA GLU A 115 -0.25 -3.35 -19.78
C GLU A 115 -0.01 -4.69 -19.05
N ALA A 116 -0.54 -4.83 -17.82
CA ALA A 116 -0.09 -5.91 -16.94
C ALA A 116 -1.00 -7.10 -17.16
N GLY A 117 -0.46 -8.10 -17.82
CA GLY A 117 -1.28 -9.35 -18.21
C GLY A 117 -1.02 -10.57 -17.31
N ASP A 118 0.17 -10.74 -16.76
CA ASP A 118 0.39 -11.89 -15.93
C ASP A 118 -0.16 -11.66 -14.54
N ALA A 119 -0.63 -12.73 -13.88
CA ALA A 119 -1.23 -12.54 -12.53
C ALA A 119 -0.29 -11.84 -11.56
N GLU A 120 1.00 -12.15 -11.56
CA GLU A 120 1.87 -11.58 -10.54
C GLU A 120 2.01 -10.08 -10.77
N SER A 121 1.93 -9.59 -12.01
CA SER A 121 2.02 -8.13 -12.17
C SER A 121 0.68 -7.50 -11.94
N ARG A 122 -0.37 -8.06 -12.57
CA ARG A 122 -1.70 -7.48 -12.45
C ARG A 122 -2.22 -7.41 -10.97
N VAL A 123 -2.02 -8.49 -10.21
CA VAL A 123 -2.44 -8.47 -8.78
C VAL A 123 -1.61 -7.53 -7.96
N PHE A 124 -0.29 -7.43 -8.25
CA PHE A 124 0.55 -6.51 -7.51
CA PHE A 124 0.59 -6.50 -7.56
C PHE A 124 0.10 -5.06 -7.75
N TYR A 125 -0.17 -4.70 -9.02
CA TYR A 125 -0.59 -3.33 -9.25
C TYR A 125 -1.96 -3.05 -8.72
N LEU A 126 -2.89 -4.01 -8.77
CA LEU A 126 -4.23 -3.75 -8.22
C LEU A 126 -4.16 -3.63 -6.69
N LYS A 127 -3.31 -4.42 -6.05
CA LYS A 127 -3.11 -4.23 -4.58
C LYS A 127 -2.58 -2.81 -4.32
N MET A 128 -1.64 -2.37 -5.15
CA MET A 128 -1.10 -1.00 -5.01
CA MET A 128 -1.12 -1.02 -4.98
C MET A 128 -2.22 0.05 -5.14
N LYS A 129 -3.09 -0.13 -6.14
CA LYS A 129 -4.21 0.78 -6.30
C LYS A 129 -5.12 0.76 -5.08
N GLY A 130 -5.43 -0.43 -4.60
CA GLY A 130 -6.20 -0.50 -3.31
C GLY A 130 -5.48 0.18 -2.16
N ASP A 131 -4.16 -0.01 -2.05
CA ASP A 131 -3.42 0.52 -0.88
C ASP A 131 -3.47 2.06 -0.99
N TYR A 132 -3.23 2.63 -2.16
CA TYR A 132 -3.15 4.13 -2.17
C TYR A 132 -4.56 4.77 -2.07
N TYR A 133 -5.61 4.11 -2.56
CA TYR A 133 -6.95 4.66 -2.25
C TYR A 133 -7.21 4.49 -0.76
N ARG A 134 -6.71 3.38 -0.15
CA ARG A 134 -6.89 3.24 1.31
C ARG A 134 -6.16 4.40 2.04
N TYR A 135 -4.97 4.80 1.60
CA TYR A 135 -4.30 5.91 2.31
C TYR A 135 -5.06 7.21 2.08
N LEU A 136 -5.61 7.39 0.88
CA LEU A 136 -6.53 8.57 0.70
C LEU A 136 -7.70 8.47 1.65
N ALA A 137 -8.23 7.26 1.82
CA ALA A 137 -9.45 7.14 2.70
C ALA A 137 -9.09 7.44 4.16
N GLU A 138 -7.85 7.18 4.57
CA GLU A 138 -7.48 7.41 5.97
C GLU A 138 -7.63 8.92 6.34
N VAL A 139 -7.42 9.80 5.37
CA VAL A 139 -7.53 11.26 5.59
C VAL A 139 -8.81 11.88 5.11
N ALA A 140 -9.67 11.10 4.45
CA ALA A 140 -10.84 11.68 3.81
C ALA A 140 -11.92 11.98 4.83
N THR A 141 -12.58 13.13 4.66
CA THR A 141 -13.68 13.54 5.62
C THR A 141 -14.87 14.15 4.86
N GLY A 142 -14.78 14.13 3.55
CA GLY A 142 -15.63 14.91 2.68
C GLY A 142 -16.74 14.10 2.01
N ASP A 143 -17.34 14.77 1.04
CA ASP A 143 -18.41 14.25 0.19
CA ASP A 143 -18.44 14.18 0.28
C ASP A 143 -17.95 13.07 -0.65
N ASP A 144 -16.63 13.02 -0.84
CA ASP A 144 -16.11 11.92 -1.67
CA ASP A 144 -15.80 12.09 -1.60
C ASP A 144 -15.56 10.74 -0.90
N LYS A 145 -15.67 10.76 0.45
CA LYS A 145 -15.14 9.70 1.28
CA LYS A 145 -15.15 9.69 1.30
C LYS A 145 -15.70 8.34 0.86
N LYS A 146 -17.01 8.26 0.65
CA LYS A 146 -17.56 6.94 0.25
C LYS A 146 -17.03 6.46 -1.04
N ARG A 147 -16.88 7.34 -2.03
CA ARG A 147 -16.37 6.91 -3.30
C ARG A 147 -14.88 6.55 -3.20
N ILE A 148 -14.08 7.25 -2.38
CA ILE A 148 -12.65 6.86 -2.22
C ILE A 148 -12.62 5.43 -1.62
N ILE A 149 -13.43 5.21 -0.59
CA ILE A 149 -13.50 3.88 0.02
C ILE A 149 -13.87 2.80 -0.99
N ASP A 150 -14.88 3.09 -1.81
CA ASP A 150 -15.35 2.18 -2.83
CA ASP A 150 -15.29 2.10 -2.77
C ASP A 150 -14.27 1.85 -3.90
N SER A 151 -13.46 2.87 -4.23
CA SER A 151 -12.38 2.67 -5.16
C SER A 151 -11.35 1.74 -4.59
N ALA A 152 -11.00 1.93 -3.30
CA ALA A 152 -10.09 0.97 -2.65
C ALA A 152 -10.71 -0.45 -2.67
N ARG A 153 -11.96 -0.57 -2.28
CA ARG A 153 -12.63 -1.88 -2.22
CA ARG A 153 -12.60 -1.91 -2.21
C ARG A 153 -12.57 -2.56 -3.59
N SER A 154 -12.99 -1.80 -4.60
CA SER A 154 -13.06 -2.38 -5.98
C SER A 154 -11.68 -2.87 -6.48
N ALA A 155 -10.62 -2.09 -6.24
CA ALA A 155 -9.30 -2.51 -6.66
C ALA A 155 -8.86 -3.80 -5.90
N TYR A 156 -9.09 -3.79 -4.57
CA TYR A 156 -8.73 -5.00 -3.78
C TYR A 156 -9.50 -6.20 -4.23
N GLN A 157 -10.80 -5.97 -4.56
CA GLN A 157 -11.67 -7.12 -4.90
C GLN A 157 -11.20 -7.70 -6.21
N GLU A 158 -10.88 -6.87 -7.21
CA GLU A 158 -10.43 -7.43 -8.51
CA GLU A 158 -10.39 -7.39 -8.51
C GLU A 158 -9.10 -8.17 -8.29
N ALA A 159 -8.21 -7.62 -7.43
CA ALA A 159 -6.92 -8.30 -7.18
C ALA A 159 -7.21 -9.65 -6.48
N MET A 160 -8.15 -9.66 -5.50
CA MET A 160 -8.48 -10.93 -4.78
C MET A 160 -9.00 -11.96 -5.80
N ASP A 161 -9.94 -11.53 -6.67
CA ASP A 161 -10.54 -12.50 -7.60
C ASP A 161 -9.46 -13.12 -8.53
N ILE A 162 -8.51 -12.31 -9.05
CA ILE A 162 -7.44 -12.90 -9.93
C ILE A 162 -6.52 -13.79 -9.09
N SER A 163 -6.17 -13.32 -7.89
CA SER A 163 -5.17 -14.06 -7.08
C SER A 163 -5.78 -15.45 -6.72
N LYS A 164 -7.06 -15.50 -6.42
CA LYS A 164 -7.63 -16.78 -6.03
C LYS A 164 -7.67 -17.72 -7.20
N LYS A 165 -7.85 -17.20 -8.40
CA LYS A 165 -7.91 -18.07 -9.56
CA LYS A 165 -7.91 -18.04 -9.59
C LYS A 165 -6.53 -18.50 -10.08
N GLU A 166 -5.53 -17.61 -9.97
CA GLU A 166 -4.27 -17.78 -10.70
C GLU A 166 -3.03 -17.99 -9.87
N MET A 167 -3.12 -17.83 -8.54
CA MET A 167 -1.98 -17.96 -7.62
CA MET A 167 -1.97 -17.99 -7.67
C MET A 167 -2.24 -18.97 -6.54
N PRO A 168 -1.16 -19.63 -6.04
CA PRO A 168 -1.33 -20.57 -4.97
C PRO A 168 -1.61 -19.80 -3.69
N PRO A 169 -2.27 -20.46 -2.69
CA PRO A 169 -2.67 -19.78 -1.50
C PRO A 169 -1.51 -19.34 -0.67
N THR A 170 -0.31 -19.89 -0.94
CA THR A 170 0.89 -19.43 -0.26
C THR A 170 1.62 -18.27 -0.92
N HIS A 171 1.19 -17.85 -2.11
CA HIS A 171 1.97 -16.84 -2.83
C HIS A 171 2.13 -15.55 -1.98
N PRO A 172 3.36 -15.05 -1.75
CA PRO A 172 3.51 -13.83 -0.92
C PRO A 172 2.64 -12.65 -1.42
N ILE A 173 2.42 -12.51 -2.74
CA ILE A 173 1.59 -11.37 -3.13
C ILE A 173 0.15 -11.60 -2.72
N ARG A 174 -0.33 -12.82 -2.92
CA ARG A 174 -1.71 -13.14 -2.49
C ARG A 174 -1.82 -12.94 -0.96
N LEU A 175 -0.83 -13.38 -0.19
CA LEU A 175 -0.90 -13.21 1.27
C LEU A 175 -0.90 -11.73 1.71
N GLY A 176 -0.04 -10.92 1.08
CA GLY A 176 0.07 -9.50 1.47
C GLY A 176 -1.18 -8.73 1.02
N LEU A 177 -1.70 -9.08 -0.16
CA LEU A 177 -2.97 -8.49 -0.60
C LEU A 177 -4.09 -8.74 0.46
N ALA A 178 -4.24 -10.01 0.86
CA ALA A 178 -5.26 -10.36 1.83
C ALA A 178 -5.03 -9.70 3.18
N LEU A 179 -3.79 -9.68 3.64
CA LEU A 179 -3.49 -8.93 4.87
C LEU A 179 -3.99 -7.48 4.76
N ASN A 180 -3.66 -6.78 3.66
CA ASN A 180 -4.08 -5.37 3.51
C ASN A 180 -5.54 -5.18 3.26
N PHE A 181 -6.19 -6.08 2.50
CA PHE A 181 -7.64 -5.99 2.32
C PHE A 181 -8.33 -6.20 3.67
N SER A 182 -7.76 -7.10 4.51
CA SER A 182 -8.35 -7.33 5.85
C SER A 182 -8.23 -6.07 6.73
N VAL A 183 -7.06 -5.43 6.64
CA VAL A 183 -6.90 -4.12 7.35
C VAL A 183 -7.89 -3.10 6.81
N PHE A 184 -8.09 -3.05 5.52
CA PHE A 184 -9.09 -2.14 4.95
C PHE A 184 -10.46 -2.45 5.62
N HIS A 185 -10.86 -3.72 5.68
CA HIS A 185 -12.16 -4.01 6.28
C HIS A 185 -12.19 -3.50 7.70
N TYR A 186 -11.16 -3.76 8.47
CA TYR A 186 -11.22 -3.52 9.91
C TYR A 186 -11.25 -2.01 10.18
N GLU A 187 -10.40 -1.26 9.49
CA GLU A 187 -10.11 0.10 9.93
C GLU A 187 -10.79 1.13 9.05
N ILE A 188 -11.13 0.80 7.81
CA ILE A 188 -11.69 1.76 6.89
C ILE A 188 -13.17 1.51 6.65
N ALA A 189 -13.55 0.22 6.44
CA ALA A 189 -14.96 -0.13 6.05
C ALA A 189 -15.80 -0.51 7.27
N ASN A 190 -15.29 -0.33 8.51
CA ASN A 190 -16.08 -0.66 9.71
C ASN A 190 -16.64 -2.07 9.66
N SER A 191 -15.81 -2.98 9.17
CA SER A 191 -16.27 -4.42 9.03
C SER A 191 -15.24 -5.33 9.72
N PRO A 192 -15.10 -5.24 11.06
CA PRO A 192 -14.08 -6.07 11.70
C PRO A 192 -14.40 -7.56 11.53
N GLU A 193 -15.65 -7.96 11.49
CA GLU A 193 -15.86 -9.42 11.24
C GLU A 193 -15.32 -9.91 9.92
N GLU A 194 -15.49 -9.13 8.84
CA GLU A 194 -15.00 -9.52 7.53
C GLU A 194 -13.46 -9.52 7.59
N ALA A 195 -12.90 -8.56 8.30
CA ALA A 195 -11.41 -8.49 8.43
C ALA A 195 -10.87 -9.73 9.10
N ILE A 196 -11.51 -10.19 10.18
CA ILE A 196 -11.04 -11.40 10.91
C ILE A 196 -11.26 -12.65 10.10
N SER A 197 -12.42 -12.75 9.44
CA SER A 197 -12.72 -13.94 8.61
CA SER A 197 -12.72 -13.95 8.63
C SER A 197 -11.68 -14.04 7.50
N LEU A 198 -11.44 -12.89 6.83
CA LEU A 198 -10.46 -12.90 5.74
CA LEU A 198 -10.45 -12.90 5.74
C LEU A 198 -9.06 -13.30 6.20
N ALA A 199 -8.59 -12.71 7.33
CA ALA A 199 -7.23 -13.05 7.81
C ALA A 199 -7.17 -14.55 8.19
N LYS A 200 -8.21 -15.05 8.87
CA LYS A 200 -8.30 -16.48 9.33
CA LYS A 200 -8.18 -16.48 9.33
C LYS A 200 -8.26 -17.43 8.14
N THR A 201 -9.16 -17.23 7.17
CA THR A 201 -9.23 -18.13 6.03
CA THR A 201 -9.20 -18.18 6.03
C THR A 201 -7.94 -18.11 5.20
N THR A 202 -7.37 -16.88 5.08
CA THR A 202 -6.13 -16.75 4.31
C THR A 202 -5.03 -17.50 5.03
N PHE A 203 -4.97 -17.35 6.35
CA PHE A 203 -3.88 -18.04 7.08
C PHE A 203 -4.04 -19.59 6.92
N ASP A 204 -5.26 -20.10 7.12
CA ASP A 204 -5.49 -21.54 7.13
C ASP A 204 -5.28 -22.13 5.75
N GLU A 205 -5.67 -21.43 4.69
CA GLU A 205 -5.46 -22.00 3.34
C GLU A 205 -3.97 -21.98 2.99
N ALA A 206 -3.21 -20.97 3.49
CA ALA A 206 -1.77 -21.01 3.21
C ALA A 206 -1.11 -22.18 4.04
N MET A 207 -1.47 -22.34 5.30
CA MET A 207 -0.90 -23.44 6.12
CA MET A 207 -0.89 -23.43 6.12
C MET A 207 -1.01 -24.77 5.37
N ALA A 208 -2.18 -25.00 4.78
CA ALA A 208 -2.40 -26.30 4.12
C ALA A 208 -1.59 -26.54 2.86
N ASP A 209 -1.00 -25.49 2.29
CA ASP A 209 -0.22 -25.57 1.02
C ASP A 209 1.30 -25.46 1.30
N LEU A 210 1.72 -25.22 2.54
CA LEU A 210 3.15 -25.02 2.84
C LEU A 210 3.93 -26.27 2.41
N HIS A 211 3.28 -27.43 2.47
CA HIS A 211 4.00 -28.72 2.18
C HIS A 211 4.57 -28.78 0.78
N THR A 212 4.05 -27.92 -0.13
CA THR A 212 4.43 -27.97 -1.55
C THR A 212 5.70 -27.18 -1.80
N LEU A 213 6.15 -26.42 -0.78
CA LEU A 213 7.17 -25.37 -0.94
C LEU A 213 8.60 -25.82 -0.64
N SER A 214 9.54 -25.27 -1.38
CA SER A 214 10.92 -25.23 -0.94
C SER A 214 11.20 -24.51 0.36
N GLU A 215 12.37 -24.76 0.96
CA GLU A 215 12.71 -24.07 2.19
C GLU A 215 12.66 -22.53 2.03
N ASP A 216 13.16 -21.98 0.89
CA ASP A 216 13.15 -20.52 0.78
C ASP A 216 11.74 -19.97 0.57
N SER A 217 10.91 -20.69 -0.20
CA SER A 217 9.54 -20.24 -0.43
C SER A 217 8.77 -20.34 0.87
N TYR A 218 9.01 -21.41 1.62
CA TYR A 218 8.41 -21.55 2.94
CA TYR A 218 8.39 -21.57 2.93
C TYR A 218 8.70 -20.35 3.83
N LYS A 219 9.96 -19.92 3.88
CA LYS A 219 10.28 -18.74 4.69
CA LYS A 219 10.33 -18.73 4.66
C LYS A 219 9.57 -17.49 4.19
N ASP A 220 9.49 -17.31 2.84
CA ASP A 220 8.77 -16.11 2.28
C ASP A 220 7.32 -16.13 2.75
N SER A 221 6.69 -17.27 2.64
CA SER A 221 5.23 -17.35 2.91
C SER A 221 4.96 -17.25 4.41
N THR A 222 5.72 -17.97 5.23
CA THR A 222 5.47 -17.91 6.66
C THR A 222 5.69 -16.53 7.24
N LEU A 223 6.61 -15.75 6.69
CA LEU A 223 6.79 -14.36 7.12
CA LEU A 223 6.77 -14.39 7.16
C LEU A 223 5.47 -13.59 7.06
N ILE A 224 4.76 -13.70 5.95
CA ILE A 224 3.48 -12.96 5.76
CA ILE A 224 3.49 -12.93 5.84
C ILE A 224 2.38 -13.58 6.61
N MET A 225 2.39 -14.92 6.68
CA MET A 225 1.40 -15.61 7.56
C MET A 225 1.53 -15.07 9.02
N GLN A 226 2.75 -14.77 9.51
CA GLN A 226 2.90 -14.29 10.87
C GLN A 226 2.28 -12.90 11.02
N LEU A 227 2.31 -12.07 9.96
CA LEU A 227 1.63 -10.77 10.01
C LEU A 227 0.12 -10.98 10.14
N LEU A 228 -0.42 -11.97 9.39
CA LEU A 228 -1.87 -12.24 9.55
C LEU A 228 -2.18 -12.67 10.97
N ARG A 229 -1.32 -13.54 11.51
CA ARG A 229 -1.53 -13.96 12.94
C ARG A 229 -1.39 -12.80 13.90
N ASP A 230 -0.45 -11.90 13.64
CA ASP A 230 -0.29 -10.75 14.54
C ASP A 230 -1.60 -9.92 14.56
N ASN A 231 -2.22 -9.73 13.40
CA ASN A 231 -3.46 -8.98 13.39
C ASN A 231 -4.62 -9.73 14.04
N LEU A 232 -4.71 -11.02 13.79
CA LEU A 232 -5.77 -11.88 14.52
C LEU A 232 -5.58 -11.80 16.00
N THR A 233 -4.32 -11.84 16.40
CA THR A 233 -4.04 -11.67 17.88
C THR A 233 -4.46 -10.32 18.44
N LEU A 234 -4.13 -9.26 17.70
CA LEU A 234 -4.56 -7.94 18.11
CA LEU A 234 -4.58 -7.92 18.12
C LEU A 234 -6.10 -7.76 18.17
N TRP A 235 -6.80 -8.41 17.23
CA TRP A 235 -8.25 -8.12 17.01
C TRP A 235 -9.20 -9.07 17.75
N THR A 236 -8.62 -10.15 18.32
CA THR A 236 -9.46 -11.17 18.97
C THR A 236 -9.07 -11.37 20.44
N LYS B 1 2.35 -2.79 18.51
CA LYS B 1 1.01 -2.40 19.00
C LYS B 1 0.12 -2.06 17.77
N ARG B 2 0.73 -1.66 16.64
CA ARG B 2 -0.05 -1.26 15.45
C ARG B 2 -0.27 -2.49 14.54
N ARG B 3 -1.48 -2.62 14.03
CA ARG B 3 -1.79 -3.71 13.07
C ARG B 3 -0.81 -3.66 11.84
N LYS B 4 -0.56 -4.84 11.31
CA LYS B 4 0.40 -5.02 10.26
C LYS B 4 -0.22 -4.86 8.89
N SEP B 5 0.56 -4.19 8.01
CA SEP B 5 0.25 -4.21 6.55
CB SEP B 5 -0.44 -2.90 6.06
OG SEP B 5 0.40 -1.79 6.43
C SEP B 5 1.56 -4.37 5.85
O SEP B 5 2.65 -4.30 6.46
P SEP B 5 -0.07 -0.35 5.81
O1P SEP B 5 -1.30 0.15 6.50
O2P SEP B 5 1.21 0.49 6.16
O3P SEP B 5 -0.28 -0.57 4.27
N VAL B 6 1.51 -4.64 4.54
CA VAL B 6 2.77 -4.91 3.88
C VAL B 6 2.77 -4.25 2.49
MG MG C . -7.28 28.13 29.98
MG MG D . 17.60 4.47 -23.59
MG MG E . 7.91 -12.62 2.46
CL CL F . 1.51 25.25 7.15
CL CL G . -10.07 -0.93 -9.85
CL CL H . 14.08 10.84 1.86
CL CL I . -5.70 -11.53 21.65
CA CA J . -18.71 -11.86 15.81
MG MG K . 25.63 2.01 -15.48
#